data_5D73
#
_entry.id   5D73
#
_cell.length_a   45.390
_cell.length_b   93.150
_cell.length_c   115.420
_cell.angle_alpha   90.00
_cell.angle_beta   90.00
_cell.angle_gamma   90.00
#
_symmetry.space_group_name_H-M   'P 21 21 21'
#
loop_
_entity.id
_entity.type
_entity.pdbx_description
1 polymer 'Glutathione S-transferase'
2 non-polymer GLUTATHIONE
3 water water
#
_entity_poly.entity_id   1
_entity_poly.type   'polypeptide(L)'
_entity_poly.pdbx_seq_one_letter_code
;MSYKLTYFPIRGLAEPIRLVLVDQGIKFTDDRINASDWPSMKSHFHFGQLPCLYDGDHQIVQSGAILRHLARKHNLNGGN
ELETTHIDMFCEGVRDLHTKYTKMIYQAYDTEKDSYIKDILPVELAKFEKLLATRDDGKNFILGEKISYVDFVLFEELDI
HQILDPHCLDKFPLLKAYHQRMEDRPGLKEYCKQRNRAKIPVNGNGKQ
;
_entity_poly.pdbx_strand_id   A,B
#
loop_
_chem_comp.id
_chem_comp.type
_chem_comp.name
_chem_comp.formula
GSH non-polymer GLUTATHIONE 'C10 H17 N3 O6 S'
#
# COMPACT_ATOMS: atom_id res chain seq x y z
N SER A 2 17.08 -18.89 5.14
CA SER A 2 17.88 -17.96 4.32
C SER A 2 16.96 -17.08 3.42
N TYR A 3 17.48 -15.91 3.04
CA TYR A 3 16.76 -14.96 2.21
C TYR A 3 17.19 -14.95 0.72
N LYS A 4 16.19 -14.85 -0.14
CA LYS A 4 16.37 -14.70 -1.58
C LYS A 4 15.35 -13.66 -2.08
N LEU A 5 15.86 -12.51 -2.50
CA LEU A 5 15.04 -11.47 -3.07
C LEU A 5 15.13 -11.58 -4.57
N THR A 6 13.98 -11.70 -5.23
CA THR A 6 13.92 -11.81 -6.69
C THR A 6 13.25 -10.55 -7.27
N TYR A 7 13.94 -9.89 -8.18
CA TYR A 7 13.44 -8.72 -8.87
C TYR A 7 14.22 -8.49 -10.18
N PHE A 8 13.77 -7.52 -10.97
CA PHE A 8 14.47 -7.05 -12.16
C PHE A 8 15.76 -6.32 -11.82
N PRO A 9 16.68 -6.21 -12.80
CA PRO A 9 17.96 -5.61 -12.49
C PRO A 9 17.88 -4.05 -12.52
N ILE A 10 16.98 -3.53 -11.69
CA ILE A 10 16.82 -2.09 -11.52
C ILE A 10 16.50 -1.87 -10.04
N ARG A 11 16.48 -0.60 -9.64
CA ARG A 11 16.20 -0.23 -8.26
C ARG A 11 14.69 -0.45 -7.98
N GLY A 12 13.87 0.32 -8.69
CA GLY A 12 12.42 0.23 -8.64
C GLY A 12 11.86 0.00 -7.26
N LEU A 13 11.00 -1.02 -7.15
CA LEU A 13 10.28 -1.36 -5.92
C LEU A 13 11.06 -2.20 -4.93
N ALA A 14 12.14 -2.86 -5.37
CA ALA A 14 12.94 -3.69 -4.47
C ALA A 14 14.02 -2.95 -3.68
N GLU A 15 14.38 -1.75 -4.12
CA GLU A 15 15.57 -1.11 -3.58
C GLU A 15 15.52 -0.84 -2.06
N PRO A 16 14.38 -0.34 -1.53
CA PRO A 16 14.33 -0.18 -0.08
C PRO A 16 14.48 -1.48 0.70
N ILE A 17 13.99 -2.59 0.15
CA ILE A 17 14.17 -3.90 0.77
C ILE A 17 15.68 -4.21 0.86
N ARG A 18 16.38 -4.01 -0.27
CA ARG A 18 17.84 -4.29 -0.37
C ARG A 18 18.57 -3.40 0.64
N LEU A 19 18.16 -2.13 0.68
CA LEU A 19 18.78 -1.13 1.58
C LEU A 19 18.68 -1.57 3.02
N VAL A 20 17.50 -2.03 3.44
CA VAL A 20 17.32 -2.55 4.81
C VAL A 20 18.33 -3.66 5.15
N LEU A 21 18.43 -4.65 4.26
CA LEU A 21 19.20 -5.84 4.52
C LEU A 21 20.69 -5.52 4.55
N VAL A 22 21.16 -4.80 3.54
CA VAL A 22 22.57 -4.36 3.44
C VAL A 22 22.95 -3.58 4.71
N ASP A 23 22.20 -2.56 5.04
CA ASP A 23 22.53 -1.74 6.18
C ASP A 23 22.66 -2.55 7.46
N GLN A 24 21.74 -3.45 7.67
CA GLN A 24 21.67 -4.20 8.91
C GLN A 24 22.54 -5.45 8.91
N GLY A 25 23.30 -5.69 7.82
CA GLY A 25 24.25 -6.78 7.75
C GLY A 25 23.57 -8.14 7.66
N ILE A 26 22.41 -8.18 7.02
CA ILE A 26 21.62 -9.40 6.91
C ILE A 26 21.91 -10.03 5.58
N LYS A 27 22.43 -11.25 5.59
CA LYS A 27 22.83 -11.91 4.36
C LYS A 27 21.60 -12.29 3.58
N PHE A 28 21.64 -11.96 2.30
CA PHE A 28 20.67 -12.39 1.33
C PHE A 28 21.24 -12.54 -0.08
N THR A 29 20.61 -13.45 -0.85
CA THR A 29 20.84 -13.58 -2.29
C THR A 29 20.06 -12.53 -3.06
N ASP A 30 20.78 -11.64 -3.73
CA ASP A 30 20.15 -10.53 -4.48
C ASP A 30 19.94 -10.96 -5.96
N ASP A 31 18.79 -11.57 -6.20
CA ASP A 31 18.55 -12.34 -7.43
C ASP A 31 17.91 -11.45 -8.49
N ARG A 32 18.76 -10.88 -9.34
CA ARG A 32 18.35 -9.98 -10.40
C ARG A 32 18.19 -10.76 -11.68
N ILE A 33 16.96 -10.86 -12.18
CA ILE A 33 16.71 -11.74 -13.31
C ILE A 33 16.89 -10.99 -14.61
N ASN A 34 17.05 -11.74 -15.70
CA ASN A 34 17.00 -11.18 -17.06
C ASN A 34 15.58 -10.98 -17.58
N ALA A 35 15.40 -9.97 -18.42
CA ALA A 35 14.14 -9.74 -19.10
C ALA A 35 13.66 -11.03 -19.75
N SER A 36 14.60 -11.74 -20.41
CA SER A 36 14.32 -12.97 -21.14
C SER A 36 13.81 -14.16 -20.34
N ASP A 37 14.22 -14.27 -19.07
CA ASP A 37 13.80 -15.39 -18.21
C ASP A 37 12.46 -15.16 -17.51
N TRP A 38 11.96 -13.94 -17.56
CA TRP A 38 10.75 -13.55 -16.82
C TRP A 38 9.48 -14.31 -17.21
N PRO A 39 9.18 -14.40 -18.53
CA PRO A 39 7.95 -15.06 -19.00
C PRO A 39 7.76 -16.46 -18.45
N SER A 40 8.83 -17.24 -18.40
CA SER A 40 8.79 -18.60 -17.88
C SER A 40 8.68 -18.72 -16.35
N MET A 41 9.03 -17.68 -15.60
CA MET A 41 8.82 -17.72 -14.13
C MET A 41 7.57 -16.97 -13.65
N LYS A 42 6.91 -16.23 -14.56
CA LYS A 42 5.81 -15.34 -14.18
C LYS A 42 4.72 -16.01 -13.36
N SER A 43 4.39 -17.24 -13.72
CA SER A 43 3.32 -17.98 -13.07
C SER A 43 3.75 -18.54 -11.72
N HIS A 44 5.03 -18.47 -11.37
CA HIS A 44 5.46 -19.02 -10.08
C HIS A 44 5.07 -18.13 -8.86
N PHE A 45 4.64 -16.90 -9.12
CA PHE A 45 4.39 -15.88 -8.10
C PHE A 45 2.92 -15.52 -7.95
N HIS A 46 2.48 -15.26 -6.72
CA HIS A 46 1.06 -15.33 -6.42
C HIS A 46 0.21 -14.37 -7.27
N PHE A 47 0.74 -13.18 -7.56
CA PHE A 47 0.08 -12.22 -8.46
C PHE A 47 0.84 -12.01 -9.77
N GLY A 48 1.73 -12.94 -10.08
CA GLY A 48 2.51 -12.86 -11.30
C GLY A 48 3.40 -11.64 -11.42
N GLN A 49 3.89 -11.13 -10.30
CA GLN A 49 4.75 -9.95 -10.29
C GLN A 49 5.89 -10.10 -9.23
N LEU A 50 6.90 -9.24 -9.38
CA LEU A 50 8.07 -9.13 -8.48
C LEU A 50 8.00 -7.74 -7.85
N PRO A 51 8.55 -7.52 -6.65
CA PRO A 51 9.49 -8.40 -5.97
C PRO A 51 8.91 -9.56 -5.21
N CYS A 52 9.75 -10.57 -5.02
CA CYS A 52 9.45 -11.72 -4.16
C CYS A 52 10.57 -11.92 -3.17
N LEU A 53 10.21 -12.14 -1.91
CA LEU A 53 11.15 -12.58 -0.90
C LEU A 53 10.80 -14.01 -0.46
N TYR A 54 11.71 -14.93 -0.71
CA TYR A 54 11.66 -16.24 -0.08
C TYR A 54 12.34 -16.19 1.27
N ASP A 55 11.54 -16.40 2.30
CA ASP A 55 12.03 -16.58 3.65
C ASP A 55 11.93 -18.09 3.92
N GLY A 56 13.04 -18.82 3.85
CA GLY A 56 13.02 -20.29 3.79
C GLY A 56 12.22 -20.80 2.59
N ASP A 57 11.27 -21.71 2.87
CA ASP A 57 10.27 -22.13 1.89
C ASP A 57 9.19 -21.08 1.60
N HIS A 58 9.06 -20.00 2.40
CA HIS A 58 7.86 -19.13 2.33
C HIS A 58 7.97 -18.03 1.29
N GLN A 59 7.02 -18.03 0.35
CA GLN A 59 6.91 -17.02 -0.69
C GLN A 59 6.25 -15.78 -0.12
N ILE A 60 6.91 -14.65 -0.26
CA ILE A 60 6.34 -13.37 0.21
C ILE A 60 6.53 -12.43 -0.96
N VAL A 61 5.43 -12.19 -1.66
CA VAL A 61 5.39 -11.15 -2.66
C VAL A 61 4.71 -9.94 -2.03
N GLN A 62 4.70 -8.85 -2.79
CA GLN A 62 4.17 -7.55 -2.40
C GLN A 62 5.18 -6.81 -1.55
N SER A 63 5.75 -5.77 -2.13
CA SER A 63 6.84 -5.01 -1.53
C SER A 63 6.51 -4.52 -0.13
N GLY A 64 5.27 -4.06 0.06
CA GLY A 64 4.85 -3.61 1.38
C GLY A 64 4.81 -4.69 2.43
N ALA A 65 4.31 -5.88 2.04
CA ALA A 65 4.24 -7.02 2.95
C ALA A 65 5.65 -7.52 3.35
N ILE A 66 6.58 -7.45 2.38
CA ILE A 66 7.97 -7.82 2.58
C ILE A 66 8.60 -6.87 3.58
N LEU A 67 8.42 -5.58 3.36
CA LEU A 67 9.02 -4.55 4.25
C LEU A 67 8.49 -4.68 5.68
N ARG A 68 7.17 -4.79 5.81
CA ARG A 68 6.56 -4.91 7.14
C ARG A 68 6.92 -6.22 7.91
N HIS A 69 7.07 -7.32 7.15
CA HIS A 69 7.57 -8.60 7.69
C HIS A 69 8.99 -8.47 8.22
N LEU A 70 9.83 -7.85 7.42
CA LEU A 70 11.21 -7.63 7.81
C LEU A 70 11.30 -6.73 9.03
N ALA A 71 10.49 -5.67 9.03
CA ALA A 71 10.36 -4.78 10.22
C ALA A 71 10.10 -5.55 11.52
N ARG A 72 9.14 -6.48 11.46
CA ARG A 72 8.82 -7.35 12.60
C ARG A 72 9.93 -8.37 12.94
N LYS A 73 10.64 -8.92 11.94
CA LYS A 73 11.65 -9.97 12.23
C LYS A 73 12.92 -9.38 12.80
N HIS A 74 13.20 -8.12 12.46
CA HIS A 74 14.48 -7.49 12.76
C HIS A 74 14.36 -6.18 13.60
N ASN A 75 13.25 -6.02 14.34
CA ASN A 75 13.11 -4.89 15.28
C ASN A 75 13.35 -3.52 14.61
N LEU A 76 12.64 -3.28 13.50
CA LEU A 76 12.65 -2.02 12.80
C LEU A 76 11.23 -1.55 12.59
N ASN A 77 10.36 -1.86 13.56
CA ASN A 77 8.93 -1.59 13.44
C ASN A 77 8.40 -0.61 14.49
N GLY A 78 9.31 0.09 15.16
CA GLY A 78 8.95 1.07 16.22
C GLY A 78 8.91 0.45 17.59
N GLY A 79 8.73 1.27 18.62
CA GLY A 79 8.71 0.77 20.01
C GLY A 79 7.36 0.52 20.67
N ASN A 80 6.27 0.84 19.98
CA ASN A 80 4.90 0.66 20.51
C ASN A 80 3.88 0.87 19.38
N GLU A 81 2.64 0.53 19.67
CA GLU A 81 1.53 0.66 18.72
C GLU A 81 1.51 1.94 17.93
N LEU A 82 1.62 3.08 18.63
CA LEU A 82 1.55 4.41 18.00
C LEU A 82 2.72 4.69 17.05
N GLU A 83 3.92 4.26 17.43
CA GLU A 83 5.07 4.42 16.56
C GLU A 83 4.99 3.56 15.28
N THR A 84 4.53 2.31 15.45
CA THR A 84 4.31 1.37 14.33
C THR A 84 3.34 1.99 13.36
N THR A 85 2.18 2.44 13.88
CA THR A 85 1.19 3.16 13.07
C THR A 85 1.79 4.42 12.35
N HIS A 86 2.60 5.20 13.08
CA HIS A 86 3.24 6.42 12.54
C HIS A 86 4.13 6.11 11.32
N ILE A 87 4.98 5.11 11.45
CA ILE A 87 5.90 4.72 10.38
C ILE A 87 5.18 4.16 9.14
N ASP A 88 4.11 3.40 9.37
CA ASP A 88 3.28 2.89 8.27
C ASP A 88 2.59 4.03 7.48
N MET A 89 2.04 4.97 8.22
CA MET A 89 1.43 6.16 7.65
C MET A 89 2.45 6.96 6.80
N PHE A 90 3.67 7.13 7.29
CA PHE A 90 4.70 7.86 6.57
C PHE A 90 5.09 7.04 5.34
N CYS A 91 5.27 5.72 5.54
CA CYS A 91 5.61 4.78 4.45
C CYS A 91 4.63 4.84 3.28
N GLU A 92 3.35 4.76 3.60
CA GLU A 92 2.30 4.90 2.63
C GLU A 92 2.31 6.23 1.83
N GLY A 93 2.70 7.32 2.47
CA GLY A 93 2.80 8.61 1.82
C GLY A 93 4.00 8.64 0.92
N VAL A 94 5.08 7.99 1.35
CA VAL A 94 6.23 7.77 0.41
C VAL A 94 5.81 7.02 -0.89
N ARG A 95 4.98 6.01 -0.72
CA ARG A 95 4.56 5.19 -1.84
C ARG A 95 3.60 5.92 -2.77
N ASP A 96 2.80 6.81 -2.20
CA ASP A 96 1.87 7.62 -2.95
C ASP A 96 2.67 8.56 -3.83
N LEU A 97 3.72 9.17 -3.28
CA LEU A 97 4.62 10.02 -4.09
C LEU A 97 5.27 9.20 -5.20
N HIS A 98 5.71 8.01 -4.86
CA HIS A 98 6.33 7.12 -5.81
C HIS A 98 5.41 6.74 -7.00
N THR A 99 4.12 6.59 -6.75
CA THR A 99 3.17 6.29 -7.82
C THR A 99 3.04 7.47 -8.82
N LYS A 100 3.10 8.69 -8.30
CA LYS A 100 3.08 9.90 -9.13
C LYS A 100 4.38 10.04 -9.91
N TYR A 101 5.49 9.65 -9.27
CA TYR A 101 6.80 9.69 -9.88
C TYR A 101 6.85 8.72 -11.06
N THR A 102 6.50 7.46 -10.81
CA THR A 102 6.55 6.43 -11.87
C THR A 102 5.58 6.74 -13.05
N LYS A 103 4.41 7.28 -12.74
CA LYS A 103 3.48 7.73 -13.77
C LYS A 103 4.15 8.72 -14.76
N MET A 104 4.75 9.78 -14.25
CA MET A 104 5.46 10.72 -15.10
C MET A 104 6.63 10.08 -15.89
N ILE A 105 7.40 9.18 -15.25
CA ILE A 105 8.57 8.51 -15.85
C ILE A 105 8.19 7.58 -17.01
N TYR A 106 7.21 6.70 -16.82
CA TYR A 106 6.78 5.73 -17.86
C TYR A 106 5.85 6.34 -18.95
N GLN A 107 5.04 7.32 -18.60
CA GLN A 107 3.93 7.76 -19.40
C GLN A 107 4.10 9.15 -20.04
N ALA A 108 4.91 10.04 -19.41
CA ALA A 108 4.96 11.47 -19.82
C ALA A 108 6.26 12.22 -19.44
N TYR A 109 7.42 11.60 -19.66
CA TYR A 109 8.69 12.18 -19.24
C TYR A 109 9.04 13.49 -19.97
N ASP A 110 8.91 13.47 -21.29
CA ASP A 110 9.14 14.68 -22.09
C ASP A 110 8.18 15.80 -21.71
N THR A 111 6.89 15.46 -21.68
CA THR A 111 5.85 16.46 -21.52
C THR A 111 5.46 16.85 -20.07
N GLU A 112 5.76 16.02 -19.08
CA GLU A 112 5.39 16.29 -17.67
C GLU A 112 6.54 16.30 -16.63
N LYS A 113 7.78 16.10 -17.05
CA LYS A 113 8.87 16.13 -16.11
C LYS A 113 8.89 17.49 -15.42
N ASP A 114 8.87 18.57 -16.18
CA ASP A 114 9.07 19.88 -15.56
C ASP A 114 7.91 20.42 -14.71
N SER A 115 6.68 20.16 -15.13
CA SER A 115 5.54 20.40 -14.27
C SER A 115 5.54 19.51 -13.01
N TYR A 116 6.05 18.29 -13.11
CA TYR A 116 6.24 17.44 -11.91
C TYR A 116 7.17 18.13 -10.88
N ILE A 117 8.33 18.56 -11.36
CA ILE A 117 9.38 19.19 -10.55
C ILE A 117 8.92 20.51 -9.92
N LYS A 118 8.12 21.28 -10.66
CA LYS A 118 7.74 22.65 -10.25
C LYS A 118 6.43 22.71 -9.49
N ASP A 119 5.42 21.97 -9.93
CA ASP A 119 4.08 22.15 -9.41
C ASP A 119 3.61 21.01 -8.48
N ILE A 120 4.17 19.82 -8.58
CA ILE A 120 3.71 18.70 -7.80
C ILE A 120 4.72 18.41 -6.67
N LEU A 121 6.00 18.20 -7.03
CA LEU A 121 6.99 17.77 -6.04
C LEU A 121 7.18 18.70 -4.81
N PRO A 122 7.20 20.04 -5.00
CA PRO A 122 7.35 20.83 -3.78
C PRO A 122 6.16 20.68 -2.82
N VAL A 123 4.96 20.54 -3.37
CA VAL A 123 3.78 20.38 -2.53
C VAL A 123 3.84 19.08 -1.71
N GLU A 124 4.37 18.04 -2.34
CA GLU A 124 4.41 16.75 -1.72
C GLU A 124 5.56 16.61 -0.71
N LEU A 125 6.67 17.30 -0.98
CA LEU A 125 7.82 17.32 -0.07
C LEU A 125 7.53 18.13 1.21
N ALA A 126 6.79 19.21 1.10
CA ALA A 126 6.31 19.98 2.29
C ALA A 126 5.60 19.11 3.32
N LYS A 127 4.82 18.14 2.84
CA LYS A 127 4.14 17.19 3.72
C LYS A 127 5.06 16.29 4.52
N PHE A 128 6.11 15.78 3.86
CA PHE A 128 7.16 14.99 4.53
C PHE A 128 8.01 15.79 5.50
N GLU A 129 8.42 16.98 5.05
CA GLU A 129 9.17 17.95 5.88
C GLU A 129 8.47 18.24 7.20
N LYS A 130 7.22 18.60 7.11
CA LYS A 130 6.40 18.86 8.31
C LYS A 130 6.29 17.62 9.24
N LEU A 131 6.05 16.46 8.66
CA LEU A 131 5.86 15.26 9.44
C LEU A 131 7.18 14.84 10.12
N LEU A 132 8.29 14.89 9.38
CA LEU A 132 9.61 14.62 9.92
C LEU A 132 9.93 15.52 11.14
N ALA A 133 9.53 16.79 11.12
CA ALA A 133 9.80 17.74 12.24
C ALA A 133 9.09 17.45 13.55
N THR A 134 8.11 16.53 13.55
CA THR A 134 7.39 16.17 14.78
C THR A 134 8.18 15.23 15.72
N ARG A 135 9.34 14.73 15.28
CA ARG A 135 10.18 13.90 16.13
C ARG A 135 11.61 14.41 16.17
N ASP A 136 12.13 14.63 17.37
CA ASP A 136 13.48 15.14 17.57
C ASP A 136 13.76 16.36 16.71
N ASP A 137 12.72 17.19 16.51
CA ASP A 137 12.81 18.34 15.65
C ASP A 137 13.26 18.04 14.20
N GLY A 138 13.19 16.78 13.78
CA GLY A 138 13.62 16.39 12.43
C GLY A 138 15.09 16.13 12.23
N LYS A 139 15.82 16.03 13.33
CA LYS A 139 17.26 15.90 13.30
C LYS A 139 17.80 14.49 13.33
N ASN A 140 16.97 13.50 13.64
CA ASN A 140 17.41 12.12 13.62
C ASN A 140 16.59 11.32 12.60
N PHE A 141 15.99 10.20 12.98
CA PHE A 141 15.22 9.39 12.06
C PHE A 141 13.73 9.78 12.16
N ILE A 142 12.90 9.11 11.38
CA ILE A 142 11.47 9.37 11.37
C ILE A 142 10.86 9.28 12.78
N LEU A 143 11.31 8.31 13.56
CA LEU A 143 10.87 8.16 14.94
C LEU A 143 11.72 8.89 15.99
N GLY A 144 12.67 9.68 15.53
CA GLY A 144 13.61 10.36 16.40
C GLY A 144 14.80 9.46 16.63
N GLU A 145 14.93 9.02 17.88
CA GLU A 145 16.15 8.41 18.35
C GLU A 145 16.55 7.18 17.53
N LYS A 146 15.57 6.36 17.19
CA LYS A 146 15.79 5.03 16.64
C LYS A 146 15.26 4.84 15.20
N ILE A 147 16.10 4.16 14.40
CA ILE A 147 15.85 3.86 12.98
C ILE A 147 14.76 2.77 12.82
N SER A 148 14.07 2.80 11.68
CA SER A 148 12.98 1.89 11.40
C SER A 148 12.91 1.66 9.92
N TYR A 149 12.15 0.66 9.50
CA TYR A 149 12.16 0.31 8.08
C TYR A 149 11.84 1.50 7.18
N VAL A 150 10.93 2.37 7.62
CA VAL A 150 10.47 3.46 6.77
C VAL A 150 11.56 4.48 6.47
N ASP A 151 12.60 4.58 7.32
CA ASP A 151 13.76 5.45 6.99
C ASP A 151 14.45 5.05 5.66
N PHE A 152 14.53 3.75 5.37
CA PHE A 152 15.16 3.28 4.10
C PHE A 152 14.29 3.57 2.91
N VAL A 153 12.99 3.45 3.13
CA VAL A 153 11.97 3.81 2.14
C VAL A 153 11.95 5.31 1.79
N LEU A 154 12.03 6.19 2.76
CA LEU A 154 12.06 7.62 2.47
C LEU A 154 13.39 8.06 1.80
N PHE A 155 14.49 7.55 2.32
CA PHE A 155 15.82 7.75 1.73
C PHE A 155 15.81 7.44 0.23
N GLU A 156 15.43 6.24 -0.15
CA GLU A 156 15.38 5.87 -1.58
C GLU A 156 14.53 6.87 -2.38
N GLU A 157 13.38 7.25 -1.84
CA GLU A 157 12.47 8.13 -2.56
C GLU A 157 13.08 9.53 -2.69
N LEU A 158 13.72 10.02 -1.62
CA LEU A 158 14.40 11.28 -1.71
C LEU A 158 15.53 11.24 -2.70
N ASP A 159 16.25 10.12 -2.69
CA ASP A 159 17.44 9.99 -3.49
C ASP A 159 17.13 9.94 -5.00
N ILE A 160 16.11 9.19 -5.38
CA ILE A 160 15.71 9.16 -6.79
C ILE A 160 15.11 10.50 -7.26
N HIS A 161 14.43 11.23 -6.37
CA HIS A 161 13.94 12.60 -6.71
C HIS A 161 15.08 13.65 -6.88
N GLN A 162 16.18 13.42 -6.17
CA GLN A 162 17.38 14.25 -6.28
C GLN A 162 18.11 13.96 -7.58
N ILE A 163 18.06 12.71 -8.05
CA ILE A 163 18.54 12.35 -9.40
C ILE A 163 17.68 13.10 -10.45
N LEU A 164 16.37 13.05 -10.29
CA LEU A 164 15.45 13.76 -11.20
C LEU A 164 15.67 15.30 -11.17
N ASP A 165 15.72 15.85 -9.96
CA ASP A 165 15.91 17.28 -9.73
C ASP A 165 16.97 17.48 -8.65
N PRO A 166 18.22 17.87 -9.04
CA PRO A 166 19.27 18.02 -8.05
C PRO A 166 18.96 19.04 -6.99
N HIS A 167 18.05 19.99 -7.28
CA HIS A 167 17.64 21.05 -6.30
C HIS A 167 16.29 20.76 -5.58
N CYS A 168 15.72 19.56 -5.67
CA CYS A 168 14.41 19.32 -5.06
C CYS A 168 14.41 19.55 -3.54
N LEU A 169 15.51 19.23 -2.87
CA LEU A 169 15.58 19.38 -1.40
C LEU A 169 16.15 20.72 -0.91
N ASP A 170 16.50 21.62 -1.83
CA ASP A 170 17.13 22.92 -1.54
C ASP A 170 16.26 23.69 -0.54
N LYS A 171 14.94 23.68 -0.73
CA LYS A 171 14.04 24.43 0.18
C LYS A 171 13.41 23.61 1.32
N PHE A 172 13.89 22.40 1.55
CA PHE A 172 13.42 21.59 2.69
C PHE A 172 14.61 21.13 3.53
N PRO A 173 15.10 22.00 4.45
CA PRO A 173 16.34 21.72 5.17
C PRO A 173 16.32 20.40 5.94
N LEU A 174 15.20 20.02 6.55
CA LEU A 174 15.19 18.76 7.32
C LEU A 174 15.40 17.57 6.43
N LEU A 175 14.66 17.52 5.33
CA LEU A 175 14.79 16.43 4.37
C LEU A 175 16.18 16.39 3.78
N LYS A 176 16.77 17.54 3.51
CA LYS A 176 18.09 17.58 2.92
C LYS A 176 19.14 16.97 3.85
N ALA A 177 19.15 17.46 5.09
CA ALA A 177 20.14 16.98 6.05
C ALA A 177 19.89 15.51 6.35
N TYR A 178 18.63 15.09 6.29
CA TYR A 178 18.22 13.71 6.57
C TYR A 178 18.72 12.74 5.52
N HIS A 179 18.53 13.11 4.25
CA HIS A 179 19.03 12.33 3.11
C HIS A 179 20.50 12.08 3.28
N GLN A 180 21.20 13.16 3.50
CA GLN A 180 22.62 13.12 3.81
C GLN A 180 23.00 12.24 5.03
N ARG A 181 22.26 12.22 6.12
CA ARG A 181 22.57 11.27 7.22
C ARG A 181 22.30 9.81 6.82
N MET A 182 21.27 9.56 6.04
CA MET A 182 20.99 8.19 5.61
C MET A 182 22.08 7.64 4.67
N GLU A 183 22.55 8.49 3.75
CA GLU A 183 23.57 8.18 2.75
C GLU A 183 24.95 7.80 3.33
N ASP A 184 25.31 8.39 4.46
CA ASP A 184 26.60 8.22 5.12
C ASP A 184 26.55 7.25 6.27
N ARG A 185 25.43 6.55 6.41
CA ARG A 185 25.40 5.39 7.28
C ARG A 185 26.55 4.46 6.89
N PRO A 186 27.33 4.03 7.89
CA PRO A 186 28.44 3.15 7.54
C PRO A 186 28.02 1.85 6.86
N GLY A 187 26.88 1.26 7.23
CA GLY A 187 26.44 0.04 6.59
C GLY A 187 26.02 0.23 5.14
N LEU A 188 25.92 1.49 4.67
CA LEU A 188 25.44 1.82 3.33
C LEU A 188 26.41 2.58 2.43
N LYS A 189 27.31 3.38 3.01
CA LYS A 189 28.22 4.25 2.25
C LYS A 189 28.85 3.57 1.02
N GLU A 190 29.43 2.40 1.23
CA GLU A 190 30.03 1.60 0.15
C GLU A 190 29.02 1.12 -0.89
N TYR A 191 27.90 0.52 -0.43
CA TYR A 191 26.88 -0.02 -1.36
C TYR A 191 26.36 1.06 -2.30
N CYS A 192 26.11 2.27 -1.79
CA CYS A 192 25.59 3.41 -2.60
C CYS A 192 26.63 4.00 -3.55
N LYS A 193 27.91 3.89 -3.18
CA LYS A 193 29.02 4.26 -4.05
C LYS A 193 29.14 3.31 -5.25
N GLN A 194 29.24 2.01 -4.96
CA GLN A 194 29.26 0.96 -5.98
C GLN A 194 28.01 0.97 -6.88
N ARG A 195 26.83 1.10 -6.26
CA ARG A 195 25.56 1.26 -7.01
C ARG A 195 25.68 2.46 -7.96
N ASN A 196 26.24 3.56 -7.44
CA ASN A 196 26.40 4.79 -8.21
C ASN A 196 27.31 4.60 -9.42
N ARG A 197 28.47 3.97 -9.20
CA ARG A 197 29.40 3.79 -10.29
C ARG A 197 28.96 2.72 -11.26
N ALA A 198 28.23 1.70 -10.80
CA ALA A 198 27.67 0.70 -11.74
C ALA A 198 26.48 1.21 -12.56
N LYS A 199 26.00 2.43 -12.31
CA LYS A 199 24.91 3.05 -13.06
C LYS A 199 23.68 2.16 -13.10
N ILE A 200 23.30 1.63 -11.93
CA ILE A 200 22.12 0.78 -11.83
C ILE A 200 20.88 1.63 -12.20
N PRO A 201 20.06 1.17 -13.16
CA PRO A 201 18.95 2.03 -13.52
C PRO A 201 17.98 2.13 -12.35
N VAL A 202 17.39 3.32 -12.21
CA VAL A 202 16.34 3.58 -11.24
C VAL A 202 15.06 2.88 -11.70
N ASN A 203 14.78 3.02 -13.00
CA ASN A 203 13.55 2.49 -13.61
C ASN A 203 13.80 1.58 -14.84
N GLY A 204 12.75 0.84 -15.19
CA GLY A 204 12.79 -0.17 -16.23
C GLY A 204 12.99 0.36 -17.64
N ASN A 205 12.69 1.65 -17.86
CA ASN A 205 12.78 2.30 -19.20
C ASN A 205 14.01 3.16 -19.37
N GLY A 206 14.91 3.11 -18.41
CA GLY A 206 16.15 3.86 -18.52
C GLY A 206 16.07 5.35 -18.25
N LYS A 207 14.88 5.91 -18.00
CA LYS A 207 14.71 7.36 -17.68
C LYS A 207 14.67 7.62 -16.14
N GLN A 208 15.15 8.78 -15.68
CA GLN A 208 15.34 9.05 -14.23
C GLN A 208 15.69 10.54 -13.90
N SER B 2 -12.38 7.25 21.82
CA SER B 2 -13.42 7.22 20.76
C SER B 2 -12.82 7.39 19.40
N TYR B 3 -13.54 6.77 18.46
CA TYR B 3 -13.21 6.74 17.06
C TYR B 3 -14.09 7.69 16.28
N LYS B 4 -13.48 8.37 15.34
CA LYS B 4 -14.20 9.19 14.42
C LYS B 4 -13.53 9.01 13.06
N LEU B 5 -14.30 8.58 12.07
CA LEU B 5 -13.80 8.26 10.72
C LEU B 5 -14.27 9.31 9.73
N THR B 6 -13.34 10.08 9.17
CA THR B 6 -13.72 11.14 8.26
C THR B 6 -13.39 10.72 6.84
N TYR B 7 -14.40 10.83 5.97
CA TYR B 7 -14.27 10.53 4.53
C TYR B 7 -15.39 11.21 3.76
N PHE B 8 -15.25 11.23 2.43
CA PHE B 8 -16.33 11.65 1.51
C PHE B 8 -17.54 10.68 1.61
N PRO B 9 -18.75 11.14 1.21
CA PRO B 9 -19.96 10.28 1.38
C PRO B 9 -20.10 9.22 0.28
N ILE B 10 -19.01 8.50 0.02
CA ILE B 10 -18.98 7.39 -0.91
C ILE B 10 -18.34 6.17 -0.23
N ARG B 11 -18.49 5.00 -0.80
CA ARG B 11 -17.76 3.83 -0.32
C ARG B 11 -16.25 4.05 -0.52
N GLY B 12 -15.75 3.96 -1.76
CA GLY B 12 -14.34 4.26 -2.11
C GLY B 12 -13.34 3.63 -1.16
N LEU B 13 -12.38 4.42 -0.69
CA LEU B 13 -11.30 3.90 0.18
C LEU B 13 -11.72 3.65 1.65
N ALA B 14 -12.77 4.28 2.16
CA ALA B 14 -13.10 4.09 3.59
C ALA B 14 -13.92 2.83 3.88
N GLU B 15 -14.66 2.34 2.90
CA GLU B 15 -15.63 1.26 3.15
C GLU B 15 -15.11 0.05 3.90
N PRO B 16 -13.94 -0.50 3.54
CA PRO B 16 -13.46 -1.65 4.32
C PRO B 16 -13.32 -1.39 5.82
N ILE B 17 -12.92 -0.18 6.18
CA ILE B 17 -12.80 0.27 7.57
C ILE B 17 -14.20 0.35 8.24
N ARG B 18 -15.18 0.83 7.49
CA ARG B 18 -16.53 0.90 8.02
C ARG B 18 -17.00 -0.54 8.34
N LEU B 19 -16.75 -1.45 7.43
CA LEU B 19 -17.21 -2.83 7.59
C LEU B 19 -16.58 -3.55 8.78
N VAL B 20 -15.26 -3.39 8.90
CA VAL B 20 -14.55 -3.93 10.04
C VAL B 20 -15.27 -3.47 11.31
N LEU B 21 -15.44 -2.17 11.46
CA LEU B 21 -16.01 -1.60 12.71
C LEU B 21 -17.46 -2.04 12.96
N VAL B 22 -18.29 -2.06 11.92
CA VAL B 22 -19.70 -2.43 12.07
C VAL B 22 -19.80 -3.88 12.52
N ASP B 23 -19.15 -4.75 11.75
CA ASP B 23 -19.17 -6.17 11.97
C ASP B 23 -18.75 -6.50 13.35
N GLN B 24 -17.65 -5.88 13.79
CA GLN B 24 -17.10 -6.20 15.10
C GLN B 24 -17.83 -5.55 16.27
N GLY B 25 -18.82 -4.70 15.99
CA GLY B 25 -19.58 -4.01 17.02
C GLY B 25 -18.83 -2.83 17.68
N ILE B 26 -17.80 -2.33 17.02
CA ILE B 26 -16.99 -1.24 17.57
C ILE B 26 -17.66 0.10 17.22
N LYS B 27 -17.96 0.87 18.25
CA LYS B 27 -18.67 2.12 18.12
C LYS B 27 -17.73 3.11 17.45
N PHE B 28 -18.19 3.79 16.40
CA PHE B 28 -17.46 4.92 15.78
C PHE B 28 -18.40 5.96 15.24
N THR B 29 -17.90 7.18 15.07
CA THR B 29 -18.64 8.23 14.37
C THR B 29 -18.26 8.18 12.90
N ASP B 30 -19.28 8.00 12.06
CA ASP B 30 -19.13 7.95 10.62
C ASP B 30 -19.38 9.33 10.02
N ASP B 31 -18.30 10.09 10.01
CA ASP B 31 -18.27 11.50 9.61
C ASP B 31 -18.16 11.59 8.10
N ARG B 32 -19.32 11.70 7.46
CA ARG B 32 -19.39 11.81 5.99
C ARG B 32 -19.44 13.25 5.64
N ILE B 33 -18.37 13.77 5.05
CA ILE B 33 -18.29 15.20 4.78
C ILE B 33 -18.64 15.40 3.33
N ASN B 34 -19.57 16.30 3.02
CA ASN B 34 -19.85 16.58 1.60
C ASN B 34 -18.75 17.43 0.98
N ALA B 35 -18.52 17.20 -0.31
CA ALA B 35 -17.41 17.80 -1.07
C ALA B 35 -17.23 19.32 -0.95
N SER B 36 -18.35 20.06 -0.88
CA SER B 36 -18.34 21.52 -0.73
C SER B 36 -17.53 22.04 0.46
N ASP B 37 -17.52 21.28 1.56
CA ASP B 37 -16.77 21.63 2.80
C ASP B 37 -15.29 21.17 2.83
N TRP B 38 -14.84 20.48 1.80
CA TRP B 38 -13.52 19.84 1.79
C TRP B 38 -12.35 20.84 1.79
N PRO B 39 -12.40 21.88 0.92
CA PRO B 39 -11.30 22.84 0.95
C PRO B 39 -11.14 23.58 2.28
N SER B 40 -12.21 23.65 3.08
CA SER B 40 -12.14 24.19 4.43
C SER B 40 -11.30 23.36 5.43
N MET B 41 -11.07 22.08 5.13
CA MET B 41 -10.36 21.18 6.06
C MET B 41 -9.15 20.42 5.50
N LYS B 42 -8.94 20.46 4.19
CA LYS B 42 -7.82 19.78 3.52
C LYS B 42 -6.45 19.85 4.25
N SER B 43 -6.06 21.05 4.65
CA SER B 43 -4.78 21.31 5.31
C SER B 43 -4.67 20.73 6.75
N HIS B 44 -5.79 20.34 7.35
CA HIS B 44 -5.83 19.74 8.68
C HIS B 44 -5.27 18.29 8.75
N PHE B 45 -5.14 17.62 7.60
CA PHE B 45 -4.69 16.21 7.55
C PHE B 45 -3.25 16.09 7.08
N HIS B 46 -2.52 15.07 7.52
CA HIS B 46 -1.06 15.04 7.30
C HIS B 46 -0.73 15.11 5.82
N PHE B 47 -1.53 14.48 4.96
CA PHE B 47 -1.19 14.45 3.51
C PHE B 47 -2.20 15.22 2.64
N GLY B 48 -3.02 16.04 3.28
CA GLY B 48 -4.14 16.69 2.62
C GLY B 48 -5.16 15.80 1.93
N GLN B 49 -5.38 14.62 2.48
CA GLN B 49 -6.34 13.64 1.92
C GLN B 49 -7.09 12.87 3.00
N LEU B 50 -8.06 12.09 2.56
CA LEU B 50 -8.88 11.21 3.39
C LEU B 50 -8.85 9.79 2.77
N PRO B 51 -9.19 8.77 3.54
CA PRO B 51 -9.76 8.83 4.89
C PRO B 51 -8.83 9.18 6.10
N CYS B 52 -9.45 9.65 7.17
CA CYS B 52 -8.81 9.92 8.44
C CYS B 52 -9.58 9.28 9.58
N LEU B 53 -8.85 8.66 10.50
CA LEU B 53 -9.41 8.12 11.72
C LEU B 53 -8.73 8.74 12.95
N TYR B 54 -9.53 9.40 13.78
CA TYR B 54 -9.05 9.86 15.05
C TYR B 54 -9.36 8.76 16.06
N ASP B 55 -8.31 8.23 16.68
CA ASP B 55 -8.41 7.29 17.77
C ASP B 55 -7.99 8.13 18.98
N GLY B 56 -8.96 8.50 19.81
CA GLY B 56 -8.75 9.54 20.82
C GLY B 56 -8.33 10.82 20.11
N ASP B 57 -7.16 11.33 20.49
CA ASP B 57 -6.52 12.51 19.91
C ASP B 57 -5.56 12.22 18.75
N HIS B 58 -5.32 10.95 18.46
CA HIS B 58 -4.31 10.56 17.47
C HIS B 58 -4.87 10.54 16.06
N GLN B 59 -4.30 11.38 15.18
CA GLN B 59 -4.72 11.44 13.78
C GLN B 59 -4.09 10.29 12.97
N ILE B 60 -4.92 9.46 12.36
CA ILE B 60 -4.41 8.37 11.49
C ILE B 60 -4.99 8.48 10.10
N VAL B 61 -4.12 8.93 9.18
CA VAL B 61 -4.45 8.91 7.77
C VAL B 61 -3.83 7.68 7.11
N GLN B 62 -4.11 7.51 5.81
CA GLN B 62 -3.73 6.37 4.98
C GLN B 62 -4.55 5.12 5.30
N SER B 63 -5.42 4.75 4.35
CA SER B 63 -6.39 3.66 4.56
C SER B 63 -5.75 2.36 5.05
N GLY B 64 -4.62 2.02 4.45
CA GLY B 64 -3.80 0.88 4.86
C GLY B 64 -3.22 0.96 6.25
N ALA B 65 -2.71 2.12 6.65
CA ALA B 65 -2.15 2.28 7.98
C ALA B 65 -3.29 2.19 9.00
N ILE B 66 -4.46 2.76 8.65
CA ILE B 66 -5.67 2.70 9.49
C ILE B 66 -6.13 1.27 9.72
N LEU B 67 -6.14 0.50 8.64
CA LEU B 67 -6.61 -0.88 8.71
C LEU B 67 -5.74 -1.73 9.62
N ARG B 68 -4.45 -1.68 9.39
CA ARG B 68 -3.51 -2.50 10.14
C ARG B 68 -3.43 -2.06 11.59
N HIS B 69 -3.61 -0.77 11.84
CA HIS B 69 -3.76 -0.26 13.22
C HIS B 69 -4.97 -0.94 13.93
N LEU B 70 -6.13 -0.87 13.30
CA LEU B 70 -7.34 -1.54 13.81
C LEU B 70 -7.13 -3.05 14.00
N ALA B 71 -6.36 -3.66 13.10
CA ALA B 71 -6.09 -5.10 13.17
C ALA B 71 -5.37 -5.48 14.43
N ARG B 72 -4.30 -4.73 14.75
CA ARG B 72 -3.50 -5.01 15.94
C ARG B 72 -4.30 -4.71 17.20
N LYS B 73 -5.02 -3.61 17.22
CA LYS B 73 -5.80 -3.21 18.40
C LYS B 73 -6.98 -4.13 18.75
N HIS B 74 -7.65 -4.70 17.74
CA HIS B 74 -8.89 -5.50 17.95
C HIS B 74 -8.76 -6.98 17.60
N ASN B 75 -7.55 -7.51 17.77
CA ASN B 75 -7.18 -8.89 17.46
C ASN B 75 -7.74 -9.45 16.12
N LEU B 76 -7.49 -8.71 15.04
CA LEU B 76 -7.92 -9.06 13.68
C LEU B 76 -6.75 -9.14 12.73
N ASN B 77 -5.57 -9.54 13.23
CA ASN B 77 -4.33 -9.54 12.42
C ASN B 77 -3.60 -10.88 12.33
N GLY B 78 -4.32 -11.97 12.56
CA GLY B 78 -3.74 -13.31 12.57
C GLY B 78 -3.20 -13.72 13.94
N GLY B 79 -2.82 -14.99 14.04
CA GLY B 79 -2.41 -15.61 15.30
C GLY B 79 -0.92 -15.74 15.52
N ASN B 80 -0.13 -15.39 14.49
CA ASN B 80 1.30 -15.45 14.48
C ASN B 80 1.88 -14.67 13.28
N GLU B 81 3.22 -14.60 13.23
CA GLU B 81 3.95 -13.78 12.24
C GLU B 81 3.58 -14.12 10.82
N LEU B 82 3.60 -15.41 10.52
CA LEU B 82 3.32 -15.88 9.18
C LEU B 82 1.93 -15.51 8.71
N GLU B 83 0.94 -15.71 9.58
CA GLU B 83 -0.43 -15.33 9.29
C GLU B 83 -0.59 -13.83 9.05
N THR B 84 0.01 -13.01 9.91
CA THR B 84 0.02 -11.57 9.69
C THR B 84 0.58 -11.21 8.29
N THR B 85 1.67 -11.88 7.89
CA THR B 85 2.30 -11.65 6.59
C THR B 85 1.39 -12.10 5.43
N HIS B 86 0.65 -13.19 5.62
CA HIS B 86 -0.20 -13.73 4.56
C HIS B 86 -1.36 -12.77 4.25
N ILE B 87 -2.02 -12.29 5.29
CA ILE B 87 -3.17 -11.39 5.09
C ILE B 87 -2.70 -10.04 4.52
N ASP B 88 -1.51 -9.57 4.94
CA ASP B 88 -0.95 -8.33 4.40
C ASP B 88 -0.71 -8.48 2.89
N MET B 89 -0.05 -9.57 2.52
CA MET B 89 0.13 -9.97 1.12
C MET B 89 -1.18 -9.94 0.33
N PHE B 90 -2.18 -10.62 0.85
CA PHE B 90 -3.48 -10.71 0.19
C PHE B 90 -4.12 -9.31 0.08
N CYS B 91 -4.09 -8.56 1.18
CA CYS B 91 -4.69 -7.20 1.20
C CYS B 91 -4.07 -6.31 0.11
N GLU B 92 -2.75 -6.39 -0.04
CA GLU B 92 -2.04 -5.63 -1.07
C GLU B 92 -2.40 -6.09 -2.49
N GLY B 93 -2.73 -7.37 -2.64
CA GLY B 93 -3.25 -7.89 -3.90
C GLY B 93 -4.57 -7.25 -4.22
N VAL B 94 -5.40 -7.15 -3.20
CA VAL B 94 -6.71 -6.51 -3.35
C VAL B 94 -6.63 -5.03 -3.74
N ARG B 95 -5.75 -4.30 -3.08
CA ARG B 95 -5.55 -2.91 -3.45
C ARG B 95 -5.03 -2.74 -4.89
N ASP B 96 -4.19 -3.66 -5.38
CA ASP B 96 -3.72 -3.56 -6.75
C ASP B 96 -4.84 -3.67 -7.78
N LEU B 97 -5.80 -4.57 -7.53
CA LEU B 97 -6.94 -4.66 -8.42
C LEU B 97 -7.74 -3.38 -8.29
N HIS B 98 -7.91 -2.87 -7.06
CA HIS B 98 -8.65 -1.62 -6.86
C HIS B 98 -8.04 -0.46 -7.68
N THR B 99 -6.71 -0.42 -7.78
CA THR B 99 -6.05 0.60 -8.59
C THR B 99 -6.36 0.47 -10.09
N LYS B 100 -6.42 -0.77 -10.57
CA LYS B 100 -6.89 -1.06 -11.95
C LYS B 100 -8.36 -0.65 -12.15
N TYR B 101 -9.19 -1.05 -11.20
CA TYR B 101 -10.60 -0.69 -11.20
C TYR B 101 -10.76 0.86 -11.29
N THR B 102 -10.21 1.59 -10.33
CA THR B 102 -10.43 3.03 -10.29
C THR B 102 -9.87 3.79 -11.48
N LYS B 103 -8.79 3.32 -12.12
CA LYS B 103 -8.28 4.03 -13.30
C LYS B 103 -9.34 3.95 -14.42
N MET B 104 -9.95 2.78 -14.59
CA MET B 104 -11.00 2.57 -15.59
C MET B 104 -12.24 3.43 -15.29
N ILE B 105 -12.70 3.39 -14.04
CA ILE B 105 -13.82 4.19 -13.59
C ILE B 105 -13.63 5.67 -13.95
N TYR B 106 -12.52 6.25 -13.47
CA TYR B 106 -12.32 7.71 -13.50
C TYR B 106 -11.89 8.20 -14.87
N GLN B 107 -11.07 7.41 -15.57
CA GLN B 107 -10.44 7.83 -16.82
C GLN B 107 -10.99 7.21 -18.09
N ALA B 108 -11.63 6.05 -18.02
CA ALA B 108 -11.94 5.30 -19.26
C ALA B 108 -13.17 4.39 -19.16
N TYR B 109 -14.22 4.84 -18.50
CA TYR B 109 -15.41 3.97 -18.26
C TYR B 109 -16.12 3.61 -19.56
N ASP B 110 -16.28 4.59 -20.42
CA ASP B 110 -17.00 4.42 -21.69
C ASP B 110 -16.24 3.44 -22.63
N THR B 111 -14.93 3.63 -22.73
CA THR B 111 -14.07 2.91 -23.70
C THR B 111 -13.47 1.59 -23.19
N GLU B 112 -13.22 1.46 -21.89
CA GLU B 112 -12.50 0.30 -21.35
C GLU B 112 -13.29 -0.58 -20.38
N LYS B 113 -14.55 -0.27 -20.10
CA LYS B 113 -15.33 -1.09 -19.16
C LYS B 113 -15.48 -2.56 -19.65
N ASP B 114 -15.82 -2.72 -20.93
CA ASP B 114 -16.08 -4.04 -21.49
C ASP B 114 -14.82 -4.90 -21.55
N SER B 115 -13.73 -4.31 -22.04
CA SER B 115 -12.45 -5.04 -22.16
C SER B 115 -11.85 -5.39 -20.78
N TYR B 116 -12.05 -4.54 -19.80
CA TYR B 116 -11.69 -4.82 -18.42
C TYR B 116 -12.51 -6.01 -17.84
N ILE B 117 -13.81 -6.00 -18.07
CA ILE B 117 -14.64 -7.12 -17.67
C ILE B 117 -14.19 -8.43 -18.37
N LYS B 118 -13.77 -8.33 -19.62
CA LYS B 118 -13.41 -9.50 -20.40
C LYS B 118 -11.95 -9.99 -20.20
N ASP B 119 -11.00 -9.09 -20.43
CA ASP B 119 -9.57 -9.42 -20.47
C ASP B 119 -8.83 -9.30 -19.11
N ILE B 120 -9.11 -8.26 -18.34
CA ILE B 120 -8.33 -7.98 -17.14
C ILE B 120 -8.93 -8.68 -15.91
N LEU B 121 -10.19 -8.39 -15.65
CA LEU B 121 -10.81 -8.81 -14.40
C LEU B 121 -10.75 -10.33 -14.11
N PRO B 122 -10.98 -11.18 -15.14
CA PRO B 122 -10.89 -12.65 -14.88
C PRO B 122 -9.50 -13.18 -14.51
N VAL B 123 -8.47 -12.62 -15.12
CA VAL B 123 -7.08 -13.01 -14.83
C VAL B 123 -6.76 -12.63 -13.36
N GLU B 124 -7.12 -11.41 -13.00
CA GLU B 124 -6.88 -10.94 -11.64
C GLU B 124 -7.67 -11.73 -10.60
N LEU B 125 -8.96 -12.02 -10.86
CA LEU B 125 -9.73 -12.83 -9.91
C LEU B 125 -9.19 -14.28 -9.74
N ALA B 126 -8.67 -14.85 -10.82
CA ALA B 126 -8.13 -16.24 -10.78
C ALA B 126 -6.97 -16.30 -9.81
N LYS B 127 -6.20 -15.21 -9.75
CA LYS B 127 -5.16 -15.08 -8.75
C LYS B 127 -5.72 -15.14 -7.31
N PHE B 128 -6.82 -14.47 -7.04
CA PHE B 128 -7.44 -14.53 -5.71
C PHE B 128 -8.04 -15.89 -5.39
N GLU B 129 -8.70 -16.49 -6.38
CA GLU B 129 -9.27 -17.83 -6.25
C GLU B 129 -8.20 -18.81 -5.76
N LYS B 130 -7.06 -18.84 -6.44
CA LYS B 130 -5.94 -19.75 -6.11
C LYS B 130 -5.32 -19.50 -4.70
N LEU B 131 -5.05 -18.24 -4.38
CA LEU B 131 -4.50 -17.90 -3.07
C LEU B 131 -5.45 -18.23 -1.91
N LEU B 132 -6.75 -18.01 -2.14
CA LEU B 132 -7.74 -18.30 -1.11
C LEU B 132 -7.72 -19.80 -0.82
N ALA B 133 -7.46 -20.62 -1.86
CA ALA B 133 -7.45 -22.09 -1.73
C ALA B 133 -6.32 -22.65 -0.88
N THR B 134 -5.24 -21.90 -0.70
CA THR B 134 -4.09 -22.38 0.08
C THR B 134 -4.38 -22.56 1.56
N ARG B 135 -5.51 -22.06 2.05
CA ARG B 135 -5.84 -22.20 3.46
C ARG B 135 -7.22 -22.80 3.67
N ASP B 136 -7.27 -24.01 4.23
CA ASP B 136 -8.56 -24.68 4.51
C ASP B 136 -9.39 -24.87 3.23
N ASP B 137 -8.69 -25.11 2.12
CA ASP B 137 -9.25 -25.30 0.78
C ASP B 137 -10.17 -24.17 0.31
N GLY B 138 -9.92 -22.96 0.85
CA GLY B 138 -10.73 -21.78 0.62
C GLY B 138 -12.16 -21.85 1.07
N LYS B 139 -12.49 -22.74 2.02
CA LYS B 139 -13.87 -23.02 2.43
C LYS B 139 -14.40 -22.05 3.47
N ASN B 140 -13.51 -21.29 4.09
CA ASN B 140 -13.89 -20.33 5.12
C ASN B 140 -13.29 -18.92 4.82
N PHE B 141 -12.49 -18.35 5.74
CA PHE B 141 -11.85 -17.04 5.54
C PHE B 141 -10.44 -17.19 4.98
N ILE B 142 -9.81 -16.07 4.69
CA ILE B 142 -8.46 -16.05 4.11
C ILE B 142 -7.46 -16.87 4.95
N LEU B 143 -7.54 -16.77 6.30
CA LEU B 143 -6.69 -17.57 7.18
C LEU B 143 -7.27 -18.93 7.62
N GLY B 144 -8.43 -19.33 7.11
CA GLY B 144 -9.13 -20.50 7.67
C GLY B 144 -10.38 -20.15 8.47
N GLU B 145 -10.49 -20.73 9.67
CA GLU B 145 -11.65 -20.48 10.54
C GLU B 145 -11.72 -19.08 11.14
N LYS B 146 -10.54 -18.47 11.35
CA LYS B 146 -10.39 -17.15 11.99
C LYS B 146 -10.50 -15.97 10.99
N ILE B 147 -11.53 -15.15 11.15
CA ILE B 147 -11.69 -13.91 10.37
C ILE B 147 -10.60 -12.86 10.75
N SER B 148 -10.24 -12.01 9.79
CA SER B 148 -9.22 -10.95 9.99
C SER B 148 -9.56 -9.71 9.13
N TYR B 149 -8.86 -8.60 9.35
CA TYR B 149 -9.20 -7.32 8.65
C TYR B 149 -9.33 -7.45 7.11
N VAL B 150 -8.57 -8.39 6.54
CA VAL B 150 -8.43 -8.50 5.06
C VAL B 150 -9.67 -9.10 4.44
N ASP B 151 -10.43 -9.83 5.26
CA ASP B 151 -11.65 -10.40 4.80
C ASP B 151 -12.58 -9.31 4.35
N PHE B 152 -12.61 -8.23 5.13
CA PHE B 152 -13.46 -7.06 4.85
C PHE B 152 -13.02 -6.28 3.61
N VAL B 153 -11.73 -6.22 3.38
CA VAL B 153 -11.14 -5.58 2.21
C VAL B 153 -11.49 -6.38 0.97
N LEU B 154 -11.30 -7.70 1.03
CA LEU B 154 -11.59 -8.55 -0.11
C LEU B 154 -13.09 -8.57 -0.41
N PHE B 155 -13.90 -8.77 0.60
CA PHE B 155 -15.35 -8.61 0.47
C PHE B 155 -15.77 -7.35 -0.30
N GLU B 156 -15.28 -6.18 0.11
CA GLU B 156 -15.64 -4.95 -0.56
C GLU B 156 -15.17 -4.95 -2.01
N GLU B 157 -13.96 -5.42 -2.24
CA GLU B 157 -13.43 -5.39 -3.58
C GLU B 157 -14.23 -6.35 -4.48
N LEU B 158 -14.61 -7.52 -3.96
CA LEU B 158 -15.47 -8.42 -4.70
C LEU B 158 -16.88 -7.80 -4.92
N ASP B 159 -17.47 -7.27 -3.85
CA ASP B 159 -18.83 -6.70 -3.93
C ASP B 159 -18.93 -5.60 -5.02
N ILE B 160 -17.98 -4.65 -5.02
CA ILE B 160 -18.05 -3.55 -6.00
C ILE B 160 -17.88 -4.06 -7.41
N HIS B 161 -17.06 -5.11 -7.56
CA HIS B 161 -16.85 -5.74 -8.85
C HIS B 161 -18.08 -6.48 -9.36
N GLN B 162 -18.89 -7.03 -8.44
CA GLN B 162 -20.24 -7.51 -8.77
C GLN B 162 -21.22 -6.44 -9.27
N ILE B 163 -21.15 -5.24 -8.71
CA ILE B 163 -21.97 -4.13 -9.17
C ILE B 163 -21.58 -3.77 -10.59
N LEU B 164 -20.27 -3.79 -10.85
CA LEU B 164 -19.75 -3.54 -12.20
C LEU B 164 -20.10 -4.63 -13.22
N ASP B 165 -19.87 -5.89 -12.87
CA ASP B 165 -20.24 -7.04 -13.70
C ASP B 165 -20.88 -8.06 -12.76
N PRO B 166 -22.23 -8.23 -12.86
CA PRO B 166 -22.91 -9.21 -11.99
C PRO B 166 -22.44 -10.66 -12.17
N HIS B 167 -21.81 -10.94 -13.32
CA HIS B 167 -21.33 -12.29 -13.63
C HIS B 167 -19.85 -12.53 -13.27
N CYS B 168 -19.20 -11.62 -12.53
CA CYS B 168 -17.75 -11.72 -12.41
C CYS B 168 -17.27 -12.86 -11.55
N LEU B 169 -18.11 -13.32 -10.62
CA LEU B 169 -17.80 -14.47 -9.76
C LEU B 169 -18.32 -15.84 -10.22
N ASP B 170 -19.04 -15.86 -11.35
CA ASP B 170 -19.77 -17.06 -11.84
C ASP B 170 -18.81 -18.25 -11.99
N LYS B 171 -17.60 -17.98 -12.51
CA LYS B 171 -16.63 -19.03 -12.80
C LYS B 171 -15.57 -19.21 -11.72
N PHE B 172 -15.82 -18.64 -10.53
CA PHE B 172 -14.86 -18.67 -9.43
C PHE B 172 -15.56 -19.19 -8.17
N PRO B 173 -15.60 -20.52 -8.03
CA PRO B 173 -16.46 -21.12 -7.00
C PRO B 173 -16.11 -20.72 -5.59
N LEU B 174 -14.83 -20.64 -5.28
CA LEU B 174 -14.41 -20.26 -3.93
C LEU B 174 -14.78 -18.81 -3.60
N LEU B 175 -14.45 -17.90 -4.52
CA LEU B 175 -14.77 -16.48 -4.30
C LEU B 175 -16.28 -16.20 -4.26
N LYS B 176 -17.07 -16.91 -5.07
CA LYS B 176 -18.52 -16.73 -5.11
C LYS B 176 -19.09 -17.05 -3.73
N ALA B 177 -18.73 -18.23 -3.24
CA ALA B 177 -19.22 -18.71 -1.96
C ALA B 177 -18.70 -17.77 -0.83
N TYR B 178 -17.43 -17.37 -0.95
CA TYR B 178 -16.81 -16.49 0.02
C TYR B 178 -17.53 -15.14 0.18
N HIS B 179 -17.92 -14.56 -0.95
CA HIS B 179 -18.67 -13.31 -0.97
C HIS B 179 -19.99 -13.46 -0.23
N GLN B 180 -20.74 -14.53 -0.56
CA GLN B 180 -22.03 -14.76 0.07
C GLN B 180 -21.83 -14.99 1.57
N ARG B 181 -20.79 -15.71 1.96
CA ARG B 181 -20.49 -15.98 3.38
C ARG B 181 -20.20 -14.64 4.16
N MET B 182 -19.51 -13.70 3.53
CA MET B 182 -19.26 -12.40 4.17
C MET B 182 -20.54 -11.50 4.29
N GLU B 183 -21.34 -11.51 3.22
CA GLU B 183 -22.63 -10.80 3.14
C GLU B 183 -23.63 -11.26 4.20
N ASP B 184 -23.64 -12.56 4.51
CA ASP B 184 -24.58 -13.12 5.48
C ASP B 184 -24.15 -13.06 6.93
N ARG B 185 -22.96 -12.52 7.22
CA ARG B 185 -22.57 -12.35 8.62
C ARG B 185 -23.58 -11.50 9.36
N PRO B 186 -24.09 -12.01 10.52
CA PRO B 186 -25.10 -11.27 11.30
C PRO B 186 -24.72 -9.82 11.47
N GLY B 187 -23.43 -9.61 11.78
CA GLY B 187 -22.87 -8.28 11.95
C GLY B 187 -23.01 -7.33 10.78
N LEU B 188 -23.06 -7.80 9.54
CA LEU B 188 -23.00 -6.85 8.41
C LEU B 188 -24.14 -6.81 7.46
N LYS B 189 -25.33 -7.06 7.94
CA LYS B 189 -26.25 -7.50 6.92
C LYS B 189 -27.42 -6.57 6.84
N GLU B 190 -27.88 -6.19 8.01
CA GLU B 190 -28.62 -4.95 8.22
C GLU B 190 -27.83 -3.70 7.68
N TYR B 191 -26.52 -3.65 7.97
CA TYR B 191 -25.63 -2.63 7.34
C TYR B 191 -25.69 -2.73 5.81
N CYS B 192 -25.52 -3.92 5.23
CA CYS B 192 -25.50 -4.05 3.76
C CYS B 192 -26.88 -3.83 3.15
N LYS B 193 -27.92 -4.31 3.83
CA LYS B 193 -29.32 -4.00 3.47
C LYS B 193 -29.57 -2.49 3.38
N GLN B 194 -29.27 -1.77 4.47
CA GLN B 194 -29.45 -0.32 4.55
C GLN B 194 -28.56 0.43 3.55
N ARG B 195 -27.30 0.00 3.42
CA ARG B 195 -26.40 0.60 2.41
C ARG B 195 -27.01 0.44 1.00
N ASN B 196 -27.55 -0.75 0.74
CA ASN B 196 -28.16 -1.02 -0.56
C ASN B 196 -29.44 -0.20 -0.79
N ARG B 197 -30.24 -0.06 0.27
CA ARG B 197 -31.40 0.84 0.32
C ARG B 197 -31.07 2.27 -0.12
N ALA B 198 -30.06 2.86 0.49
CA ALA B 198 -29.73 4.26 0.21
C ALA B 198 -28.95 4.47 -1.08
N LYS B 199 -28.61 3.40 -1.80
CA LYS B 199 -27.85 3.49 -3.07
C LYS B 199 -26.56 4.38 -2.97
N ILE B 200 -25.84 4.22 -1.87
CA ILE B 200 -24.57 4.91 -1.62
C ILE B 200 -23.61 4.63 -2.78
N PRO B 201 -23.08 5.71 -3.43
CA PRO B 201 -22.19 5.54 -4.59
C PRO B 201 -20.88 4.91 -4.21
N VAL B 202 -20.38 4.06 -5.08
CA VAL B 202 -19.17 3.33 -4.87
C VAL B 202 -18.04 4.31 -5.03
N ASN B 203 -18.14 5.17 -6.07
CA ASN B 203 -17.10 6.09 -6.43
C ASN B 203 -17.53 7.58 -6.43
N GLY B 204 -16.57 8.48 -6.46
CA GLY B 204 -16.82 9.91 -6.33
C GLY B 204 -17.41 10.53 -7.58
N ASN B 205 -17.30 9.82 -8.71
CA ASN B 205 -17.76 10.29 -10.01
C ASN B 205 -19.09 9.70 -10.44
N GLY B 206 -19.70 8.91 -9.54
CA GLY B 206 -21.02 8.35 -9.77
C GLY B 206 -21.07 7.13 -10.66
N LYS B 207 -19.99 6.72 -11.27
CA LYS B 207 -20.00 5.52 -12.11
C LYS B 207 -19.69 4.25 -11.32
N GLN B 208 -20.34 3.13 -11.68
CA GLN B 208 -20.14 1.83 -10.97
C GLN B 208 -20.58 0.52 -11.69
N1 GSH C . 2.05 -4.01 -5.76
CA1 GSH C . 3.22 -4.73 -6.17
C1 GSH C . 4.33 -4.49 -5.17
O11 GSH C . 5.18 -5.41 -5.00
O12 GSH C . 4.34 -3.42 -4.50
CB1 GSH C . 3.59 -4.23 -7.56
CG1 GSH C . 4.55 -5.20 -8.24
CD1 GSH C . 4.80 -4.76 -9.66
OE1 GSH C . 4.22 -3.82 -10.11
N2 GSH C . 5.67 -5.45 -10.35
CA2 GSH C . 5.99 -5.20 -11.75
C2 GSH C . 6.13 -6.56 -12.41
O2 GSH C . 6.45 -7.49 -11.69
CB2 GSH C . 7.28 -4.39 -11.83
SG2 GSH C . 7.24 -2.68 -11.18
N3 GSH C . 5.92 -6.66 -13.71
CA3 GSH C . 6.02 -7.88 -14.52
C3 GSH C . 4.69 -8.47 -14.99
O31 GSH C . 3.73 -8.30 -14.26
O32 GSH C . 4.54 -9.12 -16.05
N1 GSH D . -3.14 6.35 -0.39
CA1 GSH D . -4.20 7.11 0.25
C1 GSH D . -4.99 6.17 1.12
O11 GSH D . -4.95 4.98 0.81
O12 GSH D . -5.62 6.58 2.11
CB1 GSH D . -5.01 7.83 -0.84
CG1 GSH D . -6.07 8.79 -0.34
CD1 GSH D . -6.79 9.54 -1.47
OE1 GSH D . -6.41 9.39 -2.60
N2 GSH D . -7.80 10.39 -1.17
CA2 GSH D . -8.44 11.36 -2.09
C2 GSH D . -8.73 12.65 -1.31
O2 GSH D . -8.88 12.56 -0.11
CB2 GSH D . -9.76 10.84 -2.67
SG2 GSH D . -9.97 9.02 -2.84
N3 GSH D . -8.77 13.90 -1.73
CA3 GSH D . -8.17 14.42 -2.92
C3 GSH D . -7.42 15.66 -2.53
O31 GSH D . -7.90 16.56 -1.85
O32 GSH D . -6.26 15.73 -2.90
#